data_8B9U
#
_entry.id   8B9U
#
_cell.length_a   57.440
_cell.length_b   57.440
_cell.length_c   174.490
_cell.angle_alpha   90.00
_cell.angle_beta   90.00
_cell.angle_gamma   120.00
#
_symmetry.space_group_name_H-M   'P 32 2 1'
#
loop_
_entity.id
_entity.type
_entity.pdbx_description
1 polymer 'ATP-dependent Clp protease ATP-binding subunit ClpC1'
2 polymer (MLE)V(MAA)(E9M)G
3 non-polymer 'FORMIC ACID'
4 water water
#
loop_
_entity_poly.entity_id
_entity_poly.type
_entity_poly.pdbx_seq_one_letter_code
_entity_poly.pdbx_strand_id
1 'polypeptide(L)'
;MFERFTDRARRVVVLAQEEARMLNHNYIGTEHILLGLIHEGEGVAAKSLESLGISLEGVRSQVEEIIGQGQQAPSGHIPF
TPRAKKVLELSLREALQLGHNYIGTEHILLGLIREGEGVAAQVLVKLGAELTRVRQQVIQLLSG
;
A,B
2 'polypeptide(L)' (MLE)V(MAA)(E9M)G C
#
# COMPACT_ATOMS: atom_id res chain seq x y z
N PHE A 2 2.62 10.74 4.65
CA PHE A 2 1.23 11.09 4.91
C PHE A 2 0.34 9.88 4.68
N GLU A 3 -0.54 9.60 5.65
CA GLU A 3 -1.44 8.47 5.56
C GLU A 3 -2.86 8.94 5.84
N ARG A 4 -3.78 8.61 4.93
CA ARG A 4 -5.16 9.03 5.08
C ARG A 4 -6.01 8.05 5.87
N PHE A 5 -5.55 6.80 6.01
CA PHE A 5 -6.33 5.80 6.71
C PHE A 5 -6.39 6.11 8.21
N THR A 6 -7.58 5.98 8.79
CA THR A 6 -7.76 6.22 10.22
C THR A 6 -7.16 5.08 11.02
N ASP A 7 -7.20 5.24 12.36
CA ASP A 7 -6.69 4.19 13.24
C ASP A 7 -7.51 2.91 13.10
N ARG A 8 -8.84 3.03 13.04
CA ARG A 8 -9.66 1.83 12.95
C ARG A 8 -9.60 1.23 11.55
N ALA A 9 -9.51 2.06 10.51
CA ALA A 9 -9.28 1.55 9.17
C ALA A 9 -7.94 0.82 9.10
N ARG A 10 -6.94 1.35 9.80
CA ARG A 10 -5.66 0.66 9.91
C ARG A 10 -5.82 -0.69 10.61
N ARG A 11 -6.61 -0.72 11.68
CA ARG A 11 -6.88 -1.97 12.39
C ARG A 11 -7.60 -2.98 11.51
N VAL A 12 -8.50 -2.51 10.63
CA VAL A 12 -9.19 -3.40 9.72
C VAL A 12 -8.20 -4.14 8.81
N VAL A 13 -7.20 -3.42 8.31
CA VAL A 13 -6.21 -4.03 7.43
C VAL A 13 -5.36 -5.05 8.19
N VAL A 14 -5.01 -4.74 9.44
CA VAL A 14 -4.28 -5.70 10.27
C VAL A 14 -5.09 -6.97 10.45
N LEU A 15 -6.36 -6.83 10.82
CA LEU A 15 -7.21 -8.00 11.03
C LEU A 15 -7.43 -8.78 9.74
N ALA A 16 -7.46 -8.09 8.60
CA ALA A 16 -7.67 -8.76 7.33
C ALA A 16 -6.53 -9.74 7.02
N GLN A 17 -5.29 -9.33 7.32
CA GLN A 17 -4.17 -10.23 7.11
C GLN A 17 -4.20 -11.40 8.11
N GLU A 18 -4.57 -11.11 9.36
CA GLU A 18 -4.74 -12.19 10.34
C GLU A 18 -5.82 -13.17 9.90
N GLU A 19 -6.91 -12.66 9.32
CA GLU A 19 -8.02 -13.52 8.94
C GLU A 19 -7.65 -14.44 7.78
N ALA A 20 -6.89 -13.92 6.81
CA ALA A 20 -6.47 -14.75 5.69
C ALA A 20 -5.49 -15.83 6.13
N ARG A 21 -4.60 -15.51 7.07
CA ARG A 21 -3.67 -16.51 7.57
C ARG A 21 -4.37 -17.59 8.38
N MET A 22 -5.44 -17.22 9.09
CA MET A 22 -6.23 -18.22 9.82
C MET A 22 -6.79 -19.28 8.89
N LEU A 23 -7.22 -18.88 7.70
CA LEU A 23 -7.84 -19.80 6.75
C LEU A 23 -6.83 -20.46 5.83
N ASN A 24 -5.53 -20.21 6.03
CA ASN A 24 -4.47 -20.71 5.16
C ASN A 24 -4.66 -20.24 3.73
N HIS A 25 -5.08 -18.98 3.56
CA HIS A 25 -5.29 -18.40 2.25
C HIS A 25 -4.05 -17.63 1.80
N ASN A 26 -3.82 -17.62 0.48
CA ASN A 26 -2.61 -17.06 -0.09
C ASN A 26 -2.76 -15.60 -0.50
N TYR A 27 -3.95 -15.03 -0.42
CA TYR A 27 -4.17 -13.62 -0.73
C TYR A 27 -5.03 -12.99 0.35
N ILE A 28 -4.90 -11.67 0.47
CA ILE A 28 -5.84 -10.86 1.24
C ILE A 28 -6.89 -10.38 0.24
N GLY A 29 -8.05 -11.04 0.23
CA GLY A 29 -9.11 -10.71 -0.70
C GLY A 29 -10.13 -9.76 -0.08
N THR A 30 -11.12 -9.41 -0.92
CA THR A 30 -12.20 -8.54 -0.46
C THR A 30 -12.97 -9.16 0.70
N GLU A 31 -13.06 -10.50 0.74
CA GLU A 31 -13.81 -11.15 1.83
C GLU A 31 -13.05 -11.07 3.14
N HIS A 32 -11.72 -10.98 3.11
CA HIS A 32 -10.96 -10.78 4.33
C HIS A 32 -11.04 -9.34 4.81
N ILE A 33 -11.13 -8.39 3.87
CA ILE A 33 -11.38 -7.00 4.23
C ILE A 33 -12.75 -6.86 4.88
N LEU A 34 -13.75 -7.56 4.35
CA LEU A 34 -15.08 -7.54 4.95
C LEU A 34 -15.04 -8.10 6.38
N LEU A 35 -14.30 -9.19 6.57
CA LEU A 35 -14.17 -9.77 7.91
C LEU A 35 -13.41 -8.85 8.84
N GLY A 36 -12.42 -8.11 8.32
CA GLY A 36 -11.74 -7.10 9.14
C GLY A 36 -12.65 -5.97 9.56
N LEU A 37 -13.61 -5.61 8.71
CA LEU A 37 -14.58 -4.59 9.08
C LEU A 37 -15.45 -5.06 10.23
N ILE A 38 -15.96 -6.28 10.15
CA ILE A 38 -16.80 -6.82 11.22
C ILE A 38 -15.95 -7.09 12.47
N HIS A 39 -14.73 -7.57 12.28
CA HIS A 39 -13.87 -7.87 13.42
C HIS A 39 -13.52 -6.62 14.22
N GLU A 40 -13.40 -5.48 13.54
CA GLU A 40 -13.04 -4.24 14.22
C GLU A 40 -14.12 -3.83 15.23
N GLY A 41 -15.39 -3.90 14.82
CA GLY A 41 -16.52 -3.77 15.73
C GLY A 41 -17.05 -2.39 16.06
N GLU A 42 -16.16 -1.41 16.23
CA GLU A 42 -16.57 -0.10 16.72
C GLU A 42 -16.97 0.86 15.62
N GLY A 43 -16.39 0.73 14.43
CA GLY A 43 -16.58 1.71 13.38
C GLY A 43 -17.98 1.70 12.79
N VAL A 44 -18.18 2.62 11.83
CA VAL A 44 -19.46 2.74 11.16
C VAL A 44 -19.76 1.51 10.32
N ALA A 45 -18.75 0.97 9.64
CA ALA A 45 -18.96 -0.20 8.78
C ALA A 45 -19.46 -1.40 9.58
N ALA A 46 -18.92 -1.59 10.79
CA ALA A 46 -19.35 -2.70 11.63
C ALA A 46 -20.82 -2.53 12.04
N LYS A 47 -21.13 -1.39 12.67
CA LYS A 47 -22.51 -1.16 13.12
C LYS A 47 -23.50 -1.26 11.98
N SER A 48 -23.10 -0.87 10.77
CA SER A 48 -23.98 -1.01 9.60
C SER A 48 -24.24 -2.48 9.28
N LEU A 49 -23.16 -3.24 9.08
CA LEU A 49 -23.31 -4.66 8.74
C LEU A 49 -24.08 -5.41 9.82
N GLU A 50 -23.88 -5.03 11.08
CA GLU A 50 -24.62 -5.67 12.17
C GLU A 50 -26.11 -5.33 12.11
N SER A 51 -26.45 -4.19 11.52
CA SER A 51 -27.87 -3.85 11.37
C SER A 51 -28.52 -4.69 10.28
N LEU A 52 -27.82 -4.88 9.15
CA LEU A 52 -28.35 -5.69 8.06
C LEU A 52 -28.34 -7.18 8.35
N GLY A 53 -27.89 -7.60 9.54
CA GLY A 53 -27.86 -9.01 9.87
C GLY A 53 -26.70 -9.77 9.28
N ILE A 54 -25.51 -9.18 9.25
CA ILE A 54 -24.31 -9.79 8.68
C ILE A 54 -23.37 -10.07 9.84
N SER A 55 -23.37 -11.32 10.32
CA SER A 55 -22.59 -11.71 11.48
C SER A 55 -21.18 -12.11 11.09
N LEU A 56 -20.29 -12.11 12.09
CA LEU A 56 -18.90 -12.51 11.86
C LEU A 56 -18.80 -13.98 11.48
N GLU A 57 -19.61 -14.84 12.11
CA GLU A 57 -19.58 -16.25 11.78
C GLU A 57 -20.35 -16.55 10.49
N GLY A 58 -21.34 -15.73 10.15
CA GLY A 58 -22.04 -15.91 8.89
C GLY A 58 -21.13 -15.70 7.69
N VAL A 59 -20.21 -14.74 7.78
CA VAL A 59 -19.27 -14.50 6.69
C VAL A 59 -18.19 -15.57 6.67
N ARG A 60 -17.64 -15.91 7.84
CA ARG A 60 -16.66 -16.98 7.91
C ARG A 60 -17.23 -18.29 7.40
N SER A 61 -18.52 -18.54 7.66
CA SER A 61 -19.15 -19.76 7.17
C SER A 61 -19.29 -19.73 5.65
N GLN A 62 -19.71 -18.60 5.09
CA GLN A 62 -19.86 -18.50 3.64
C GLN A 62 -18.52 -18.52 2.93
N VAL A 63 -17.46 -17.99 3.57
CA VAL A 63 -16.14 -18.04 2.97
C VAL A 63 -15.64 -19.48 2.93
N GLU A 64 -15.92 -20.25 3.98
CA GLU A 64 -15.49 -21.65 4.02
C GLU A 64 -16.15 -22.46 2.92
N GLU A 65 -17.41 -22.15 2.59
CA GLU A 65 -18.10 -22.90 1.54
C GLU A 65 -17.59 -22.51 0.16
N ILE A 66 -17.14 -21.26 -0.01
CA ILE A 66 -16.70 -20.81 -1.33
C ILE A 66 -15.25 -21.19 -1.59
N ILE A 67 -14.36 -20.94 -0.63
CA ILE A 67 -12.92 -21.19 -0.81
C ILE A 67 -12.45 -22.35 0.05
N GLY A 68 -12.66 -22.27 1.36
CA GLY A 68 -12.25 -23.32 2.27
C GLY A 68 -10.80 -23.16 2.72
N GLN A 69 -10.46 -23.94 3.74
CA GLN A 69 -9.11 -23.90 4.29
C GLN A 69 -8.08 -24.32 3.25
N GLY A 70 -6.95 -23.62 3.24
CA GLY A 70 -5.81 -24.03 2.45
C GLY A 70 -5.00 -25.08 3.18
N GLN A 71 -4.03 -25.65 2.47
CA GLN A 71 -3.26 -26.76 3.03
C GLN A 71 -2.20 -26.27 4.00
N GLN A 72 -1.49 -25.20 3.66
CA GLN A 72 -0.39 -24.69 4.47
C GLN A 72 -0.66 -23.24 4.87
N ALA A 73 -0.20 -22.88 6.05
CA ALA A 73 -0.35 -21.51 6.51
C ALA A 73 0.73 -20.63 5.90
N PRO A 74 0.38 -19.49 5.31
CA PRO A 74 1.40 -18.62 4.72
C PRO A 74 2.29 -18.02 5.80
N SER A 75 3.51 -17.66 5.39
CA SER A 75 4.48 -17.02 6.26
C SER A 75 4.86 -15.65 5.69
N GLY A 76 5.15 -14.71 6.59
CA GLY A 76 5.43 -13.35 6.19
C GLY A 76 4.15 -12.59 5.89
N HIS A 77 4.29 -11.56 5.06
CA HIS A 77 3.12 -10.81 4.61
C HIS A 77 2.37 -11.58 3.54
N ILE A 78 1.08 -11.32 3.45
CA ILE A 78 0.19 -11.93 2.46
C ILE A 78 -0.19 -10.85 1.46
N PRO A 79 0.01 -11.06 0.17
CA PRO A 79 -0.30 -10.02 -0.80
C PRO A 79 -1.80 -9.85 -0.98
N PHE A 80 -2.20 -8.62 -1.35
CA PHE A 80 -3.59 -8.34 -1.71
C PHE A 80 -3.91 -8.88 -3.10
N THR A 81 -5.16 -9.28 -3.29
CA THR A 81 -5.64 -9.51 -4.64
C THR A 81 -5.69 -8.20 -5.41
N PRO A 82 -5.55 -8.23 -6.73
CA PRO A 82 -5.78 -7.00 -7.51
C PRO A 82 -7.15 -6.40 -7.23
N ARG A 83 -8.12 -7.24 -6.90
CA ARG A 83 -9.46 -6.76 -6.60
C ARG A 83 -9.51 -6.04 -5.26
N ALA A 84 -8.77 -6.54 -4.27
CA ALA A 84 -8.71 -5.86 -2.97
C ALA A 84 -7.98 -4.53 -3.09
N LYS A 85 -6.93 -4.47 -3.92
CA LYS A 85 -6.27 -3.20 -4.19
C LYS A 85 -7.24 -2.23 -4.85
N LYS A 86 -8.10 -2.73 -5.75
CA LYS A 86 -9.09 -1.87 -6.38
C LYS A 86 -10.10 -1.36 -5.35
N VAL A 87 -10.46 -2.19 -4.38
CA VAL A 87 -11.38 -1.77 -3.33
C VAL A 87 -10.78 -0.64 -2.51
N LEU A 88 -9.50 -0.76 -2.15
CA LEU A 88 -8.85 0.28 -1.36
C LEU A 88 -8.71 1.57 -2.17
N GLU A 89 -8.46 1.45 -3.48
CA GLU A 89 -8.41 2.64 -4.32
C GLU A 89 -9.76 3.33 -4.39
N LEU A 90 -10.84 2.55 -4.50
CA LEU A 90 -12.18 3.13 -4.53
C LEU A 90 -12.56 3.72 -3.19
N SER A 91 -12.02 3.17 -2.09
CA SER A 91 -12.28 3.75 -0.77
C SER A 91 -11.71 5.16 -0.67
N LEU A 92 -10.55 5.38 -1.26
CA LEU A 92 -9.97 6.73 -1.30
C LEU A 92 -10.80 7.65 -2.17
N ARG A 93 -11.18 7.19 -3.36
CA ARG A 93 -11.99 8.01 -4.25
C ARG A 93 -13.33 8.35 -3.62
N GLU A 94 -13.89 7.43 -2.83
CA GLU A 94 -15.15 7.70 -2.15
C GLU A 94 -14.98 8.81 -1.10
N ALA A 95 -13.91 8.74 -0.30
CA ALA A 95 -13.66 9.75 0.71
C ALA A 95 -13.37 11.11 0.09
N LEU A 96 -12.72 11.13 -1.07
CA LEU A 96 -12.44 12.41 -1.73
C LEU A 96 -13.70 13.03 -2.29
N GLN A 97 -14.61 12.22 -2.84
CA GLN A 97 -15.85 12.77 -3.39
C GLN A 97 -16.77 13.29 -2.30
N LEU A 98 -16.75 12.67 -1.11
CA LEU A 98 -17.59 13.11 -0.02
C LEU A 98 -17.05 14.35 0.69
N GLY A 99 -15.85 14.81 0.34
CA GLY A 99 -15.26 15.96 0.99
C GLY A 99 -14.49 15.65 2.26
N HIS A 100 -14.17 14.39 2.51
CA HIS A 100 -13.39 13.98 3.66
C HIS A 100 -11.92 13.84 3.27
N ASN A 101 -11.05 14.04 4.26
CA ASN A 101 -9.61 13.90 4.10
C ASN A 101 -9.05 12.61 4.68
N TYR A 102 -9.85 11.85 5.41
CA TYR A 102 -9.44 10.58 5.98
C TYR A 102 -10.14 9.45 5.24
N ILE A 103 -9.63 8.23 5.45
CA ILE A 103 -10.28 7.02 4.96
C ILE A 103 -10.67 6.20 6.18
N GLY A 104 -11.97 6.18 6.49
CA GLY A 104 -12.48 5.43 7.61
C GLY A 104 -13.08 4.10 7.19
N THR A 105 -13.56 3.36 8.19
CA THR A 105 -14.18 2.06 7.91
C THR A 105 -15.38 2.21 6.99
N GLU A 106 -16.11 3.33 7.08
CA GLU A 106 -17.27 3.50 6.20
C GLU A 106 -16.86 3.62 4.75
N HIS A 107 -15.71 4.22 4.46
CA HIS A 107 -15.26 4.35 3.08
C HIS A 107 -14.74 3.03 2.52
N ILE A 108 -14.21 2.17 3.39
CA ILE A 108 -13.76 0.87 2.93
C ILE A 108 -14.93 0.00 2.52
N LEU A 109 -16.03 0.07 3.29
CA LEU A 109 -17.22 -0.69 2.92
C LEU A 109 -17.88 -0.13 1.67
N LEU A 110 -17.87 1.19 1.52
CA LEU A 110 -18.43 1.80 0.32
C LEU A 110 -17.63 1.42 -0.93
N GLY A 111 -16.30 1.45 -0.83
CA GLY A 111 -15.48 1.02 -1.95
C GLY A 111 -15.62 -0.47 -2.21
N LEU A 112 -15.92 -1.24 -1.17
CA LEU A 112 -16.11 -2.68 -1.34
C LEU A 112 -17.34 -2.99 -2.18
N ILE A 113 -18.45 -2.27 -1.93
CA ILE A 113 -19.66 -2.54 -2.69
C ILE A 113 -19.64 -1.87 -4.06
N ARG A 114 -18.84 -0.83 -4.25
CA ARG A 114 -18.75 -0.21 -5.58
C ARG A 114 -17.98 -1.10 -6.55
N GLU A 115 -16.94 -1.78 -6.06
CA GLU A 115 -16.29 -2.82 -6.86
C GLU A 115 -17.27 -3.97 -7.12
N GLY A 116 -17.83 -4.52 -6.05
CA GLY A 116 -19.04 -5.33 -6.12
C GLY A 116 -19.00 -6.55 -7.00
N GLU A 117 -17.83 -7.16 -7.20
CA GLU A 117 -17.76 -8.34 -8.05
C GLU A 117 -16.80 -9.40 -7.54
N GLY A 118 -16.44 -9.36 -6.26
CA GLY A 118 -15.55 -10.34 -5.67
C GLY A 118 -16.23 -11.24 -4.66
N VAL A 119 -15.40 -11.95 -3.89
CA VAL A 119 -15.91 -12.92 -2.93
C VAL A 119 -16.77 -12.23 -1.87
N ALA A 120 -16.39 -11.03 -1.45
CA ALA A 120 -17.15 -10.31 -0.44
C ALA A 120 -18.55 -9.96 -0.94
N ALA A 121 -18.64 -9.45 -2.16
CA ALA A 121 -19.95 -9.10 -2.72
C ALA A 121 -20.82 -10.34 -2.88
N GLN A 122 -20.22 -11.46 -3.32
CA GLN A 122 -20.96 -12.70 -3.42
C GLN A 122 -21.45 -13.17 -2.06
N VAL A 123 -20.63 -12.99 -1.03
CA VAL A 123 -21.01 -13.43 0.32
C VAL A 123 -22.17 -12.58 0.83
N LEU A 124 -22.10 -11.27 0.64
CA LEU A 124 -23.14 -10.38 1.15
C LEU A 124 -24.50 -10.70 0.56
N VAL A 125 -24.56 -10.92 -0.75
CA VAL A 125 -25.83 -11.24 -1.40
C VAL A 125 -26.36 -12.57 -0.88
N LYS A 126 -25.48 -13.57 -0.75
CA LYS A 126 -25.90 -14.86 -0.24
C LYS A 126 -26.36 -14.79 1.22
N LEU A 127 -25.93 -13.79 1.98
CA LEU A 127 -26.40 -13.61 3.34
C LEU A 127 -27.67 -12.77 3.42
N GLY A 128 -28.20 -12.32 2.28
CA GLY A 128 -29.45 -11.60 2.24
C GLY A 128 -29.34 -10.10 2.18
N ALA A 129 -28.12 -9.54 2.15
CA ALA A 129 -27.92 -8.10 2.11
C ALA A 129 -27.52 -7.70 0.70
N GLU A 130 -28.44 -7.07 -0.03
CA GLU A 130 -28.14 -6.59 -1.37
C GLU A 130 -27.14 -5.43 -1.31
N LEU A 131 -26.42 -5.25 -2.41
CA LEU A 131 -25.32 -4.28 -2.41
C LEU A 131 -25.81 -2.84 -2.28
N THR A 132 -26.99 -2.53 -2.85
CA THR A 132 -27.50 -1.17 -2.72
C THR A 132 -28.04 -0.90 -1.32
N ARG A 133 -28.53 -1.92 -0.62
CA ARG A 133 -29.07 -1.71 0.72
C ARG A 133 -27.94 -1.50 1.72
N VAL A 134 -26.81 -2.17 1.53
CA VAL A 134 -25.65 -1.96 2.41
C VAL A 134 -25.12 -0.55 2.23
N ARG A 135 -25.17 -0.02 1.00
CA ARG A 135 -24.64 1.32 0.75
C ARG A 135 -25.41 2.38 1.53
N GLN A 136 -26.73 2.22 1.64
CA GLN A 136 -27.54 3.26 2.25
C GLN A 136 -27.47 3.21 3.78
N GLN A 137 -27.41 2.01 4.36
CA GLN A 137 -27.19 1.89 5.79
C GLN A 137 -25.91 2.58 6.24
N VAL A 138 -24.93 2.72 5.35
CA VAL A 138 -23.72 3.46 5.68
C VAL A 138 -23.94 4.96 5.53
N ILE A 139 -24.64 5.37 4.47
CA ILE A 139 -24.74 6.79 4.15
C ILE A 139 -25.59 7.51 5.19
N GLN A 140 -26.76 6.96 5.52
CA GLN A 140 -27.63 7.60 6.50
C GLN A 140 -27.04 7.55 7.91
N LEU A 141 -26.15 6.60 8.19
CA LEU A 141 -25.50 6.55 9.50
C LEU A 141 -24.51 7.69 9.64
N LEU A 142 -23.84 8.08 8.55
CA LEU A 142 -22.84 9.14 8.60
C LEU A 142 -23.46 10.47 9.03
N MET B 1 0.37 14.00 1.13
CA MET B 1 1.32 14.99 0.63
C MET B 1 1.72 14.68 -0.81
N PHE B 2 0.90 13.87 -1.47
CA PHE B 2 1.14 13.43 -2.84
C PHE B 2 0.35 14.24 -3.86
N GLU B 3 0.03 15.48 -3.54
CA GLU B 3 -0.90 16.25 -4.37
C GLU B 3 -0.33 16.51 -5.76
N ARG B 4 0.93 16.93 -5.83
CA ARG B 4 1.57 17.28 -7.09
C ARG B 4 2.38 16.14 -7.69
N PHE B 5 2.30 14.94 -7.12
CA PHE B 5 3.03 13.80 -7.65
C PHE B 5 2.52 13.42 -9.02
N THR B 6 3.45 13.13 -9.94
CA THR B 6 3.07 12.64 -11.25
C THR B 6 2.60 11.19 -11.15
N ASP B 7 1.89 10.74 -12.18
CA ASP B 7 1.36 9.39 -12.18
C ASP B 7 2.47 8.36 -12.04
N ARG B 8 3.62 8.59 -12.66
CA ARG B 8 4.73 7.66 -12.49
C ARG B 8 5.39 7.80 -11.14
N ALA B 9 5.42 9.02 -10.58
CA ALA B 9 5.92 9.18 -9.22
C ALA B 9 5.02 8.46 -8.22
N ARG B 10 3.71 8.52 -8.43
CA ARG B 10 2.79 7.72 -7.63
C ARG B 10 3.06 6.23 -7.81
N ARG B 11 3.35 5.82 -9.05
CA ARG B 11 3.66 4.42 -9.32
C ARG B 11 4.89 3.97 -8.56
N VAL B 12 5.88 4.85 -8.41
CA VAL B 12 7.09 4.52 -7.66
C VAL B 12 6.75 4.13 -6.23
N VAL B 13 5.86 4.90 -5.59
CA VAL B 13 5.52 4.65 -4.20
C VAL B 13 4.74 3.35 -4.05
N VAL B 14 3.85 3.07 -5.01
CA VAL B 14 3.07 1.84 -4.97
C VAL B 14 3.99 0.63 -5.04
N LEU B 15 4.92 0.62 -6.00
CA LEU B 15 5.86 -0.48 -6.11
C LEU B 15 6.74 -0.60 -4.87
N ALA B 16 7.05 0.54 -4.22
CA ALA B 16 7.83 0.50 -3.00
C ALA B 16 7.11 -0.28 -1.90
N GLN B 17 5.81 -0.02 -1.71
CA GLN B 17 5.08 -0.72 -0.65
C GLN B 17 4.87 -2.19 -1.00
N GLU B 18 4.79 -2.52 -2.29
CA GLU B 18 4.65 -3.92 -2.68
C GLU B 18 5.97 -4.68 -2.51
N GLU B 19 7.11 -3.98 -2.67
CA GLU B 19 8.39 -4.61 -2.37
C GLU B 19 8.53 -4.90 -0.88
N ALA B 20 8.19 -3.92 -0.03
CA ALA B 20 8.25 -4.13 1.41
C ALA B 20 7.33 -5.26 1.85
N ARG B 21 6.18 -5.42 1.21
CA ARG B 21 5.28 -6.51 1.56
C ARG B 21 5.86 -7.85 1.15
N MET B 22 6.42 -7.93 -0.06
CA MET B 22 6.97 -9.20 -0.53
C MET B 22 8.18 -9.61 0.29
N LEU B 23 9.04 -8.66 0.64
CA LEU B 23 10.28 -8.95 1.35
C LEU B 23 10.08 -9.20 2.84
N ASN B 24 8.83 -9.23 3.32
CA ASN B 24 8.52 -9.48 4.73
C ASN B 24 9.16 -8.40 5.62
N HIS B 25 8.94 -7.14 5.25
CA HIS B 25 9.47 -6.02 6.00
C HIS B 25 8.34 -5.22 6.64
N ASN B 26 8.64 -4.59 7.77
CA ASN B 26 7.62 -3.94 8.60
C ASN B 26 7.41 -2.47 8.26
N TYR B 27 8.27 -1.88 7.43
CA TYR B 27 8.12 -0.48 7.06
C TYR B 27 8.38 -0.33 5.56
N ILE B 28 7.92 0.80 5.03
CA ILE B 28 8.35 1.26 3.71
C ILE B 28 9.51 2.22 3.95
N GLY B 29 10.73 1.74 3.70
CA GLY B 29 11.92 2.54 3.94
C GLY B 29 12.47 3.16 2.66
N THR B 30 13.57 3.89 2.83
CA THR B 30 14.23 4.53 1.69
C THR B 30 14.68 3.51 0.66
N GLU B 31 15.10 2.31 1.10
CA GLU B 31 15.56 1.32 0.14
C GLU B 31 14.41 0.75 -0.68
N HIS B 32 13.19 0.75 -0.14
CA HIS B 32 12.05 0.31 -0.93
C HIS B 32 11.65 1.36 -1.95
N ILE B 33 11.82 2.64 -1.61
CA ILE B 33 11.63 3.71 -2.59
C ILE B 33 12.64 3.57 -3.72
N LEU B 34 13.89 3.26 -3.38
CA LEU B 34 14.91 3.05 -4.40
C LEU B 34 14.52 1.90 -5.33
N LEU B 35 14.07 0.79 -4.77
CA LEU B 35 13.59 -0.32 -5.58
C LEU B 35 12.42 0.10 -6.46
N GLY B 36 11.51 0.91 -5.91
CA GLY B 36 10.39 1.40 -6.72
C GLY B 36 10.84 2.29 -7.85
N LEU B 37 11.90 3.09 -7.62
CA LEU B 37 12.45 3.92 -8.69
C LEU B 37 12.97 3.05 -9.83
N ILE B 38 13.60 1.92 -9.50
CA ILE B 38 14.11 1.02 -10.52
C ILE B 38 12.98 0.25 -11.19
N HIS B 39 11.97 -0.15 -10.40
CA HIS B 39 10.84 -0.90 -10.93
C HIS B 39 10.03 -0.06 -11.92
N GLU B 40 9.95 1.26 -11.71
CA GLU B 40 9.14 2.11 -12.57
C GLU B 40 9.66 2.09 -14.01
N GLY B 41 10.97 1.98 -14.19
CA GLY B 41 11.54 1.65 -15.49
C GLY B 41 11.66 2.78 -16.50
N GLU B 42 10.66 3.64 -16.59
CA GLU B 42 10.59 4.62 -17.67
C GLU B 42 11.04 6.02 -17.29
N GLY B 43 11.04 6.36 -16.00
CA GLY B 43 11.30 7.71 -15.58
C GLY B 43 12.77 8.09 -15.60
N VAL B 44 13.01 9.38 -15.32
CA VAL B 44 14.38 9.90 -15.28
C VAL B 44 15.19 9.19 -14.21
N ALA B 45 14.56 8.81 -13.09
CA ALA B 45 15.28 8.14 -12.03
C ALA B 45 15.77 6.77 -12.46
N ALA B 46 14.89 5.98 -13.10
CA ALA B 46 15.28 4.64 -13.53
C ALA B 46 16.39 4.69 -14.57
N LYS B 47 16.28 5.60 -15.55
CA LYS B 47 17.33 5.74 -16.55
C LYS B 47 18.64 6.18 -15.92
N SER B 48 18.58 7.12 -14.98
CA SER B 48 19.79 7.58 -14.31
C SER B 48 20.46 6.44 -13.54
N LEU B 49 19.68 5.68 -12.79
CA LEU B 49 20.22 4.54 -12.05
C LEU B 49 20.79 3.47 -12.98
N GLU B 50 20.19 3.30 -14.16
CA GLU B 50 20.70 2.30 -15.09
C GLU B 50 22.04 2.74 -15.69
N SER B 51 22.18 4.04 -15.98
CA SER B 51 23.44 4.56 -16.49
C SER B 51 24.56 4.44 -15.48
N LEU B 52 24.25 4.24 -14.21
CA LEU B 52 25.25 4.06 -13.16
C LEU B 52 25.49 2.59 -12.83
N GLY B 53 24.81 1.68 -13.50
CA GLY B 53 24.98 0.26 -13.22
C GLY B 53 24.31 -0.22 -11.96
N ILE B 54 23.22 0.41 -11.55
CA ILE B 54 22.48 0.01 -10.35
C ILE B 54 21.29 -0.83 -10.80
N SER B 55 21.32 -2.12 -10.48
CA SER B 55 20.30 -3.05 -10.94
C SER B 55 19.31 -3.38 -9.82
N LEU B 56 18.16 -3.90 -10.23
CA LEU B 56 17.11 -4.28 -9.28
C LEU B 56 17.55 -5.43 -8.41
N GLU B 57 18.19 -6.45 -9.00
CA GLU B 57 18.60 -7.62 -8.23
C GLU B 57 19.74 -7.29 -7.27
N GLY B 58 20.65 -6.41 -7.68
CA GLY B 58 21.75 -6.02 -6.80
C GLY B 58 21.28 -5.26 -5.58
N VAL B 59 20.32 -4.35 -5.75
CA VAL B 59 19.77 -3.63 -4.61
C VAL B 59 18.97 -4.56 -3.73
N ARG B 60 18.14 -5.41 -4.33
CA ARG B 60 17.30 -6.33 -3.56
C ARG B 60 18.16 -7.32 -2.77
N SER B 61 19.24 -7.81 -3.39
CA SER B 61 20.12 -8.73 -2.68
C SER B 61 20.83 -8.04 -1.52
N GLN B 62 21.26 -6.79 -1.71
CA GLN B 62 21.90 -6.05 -0.63
C GLN B 62 20.91 -5.77 0.50
N VAL B 63 19.65 -5.51 0.17
CA VAL B 63 18.65 -5.19 1.19
C VAL B 63 18.36 -6.41 2.05
N GLU B 64 18.17 -7.58 1.42
CA GLU B 64 17.91 -8.79 2.19
C GLU B 64 19.08 -9.16 3.06
N GLU B 65 20.31 -8.87 2.61
CA GLU B 65 21.49 -9.16 3.43
C GLU B 65 21.51 -8.30 4.68
N ILE B 66 21.11 -7.04 4.58
CA ILE B 66 21.17 -6.13 5.72
C ILE B 66 20.04 -6.42 6.70
N ILE B 67 18.81 -6.51 6.19
CA ILE B 67 17.64 -6.59 7.08
C ILE B 67 17.50 -7.97 7.70
N GLY B 68 17.65 -9.03 6.91
CA GLY B 68 17.55 -10.37 7.43
C GLY B 68 16.13 -10.91 7.37
N GLN B 69 15.93 -12.02 8.07
CA GLN B 69 14.65 -12.70 8.09
C GLN B 69 13.78 -12.18 9.23
N GLY B 70 12.46 -12.15 8.99
CA GLY B 70 11.52 -11.61 9.92
C GLY B 70 10.63 -12.66 10.55
N GLN B 71 9.47 -12.22 11.04
CA GLN B 71 8.53 -13.08 11.73
C GLN B 71 7.75 -13.93 10.75
N GLN B 72 7.12 -14.98 11.29
CA GLN B 72 6.24 -15.82 10.48
C GLN B 72 4.88 -15.17 10.27
N ALA B 73 4.44 -14.34 11.22
CA ALA B 73 3.13 -13.70 11.18
C ALA B 73 3.28 -12.23 11.57
N PRO B 74 3.83 -11.40 10.68
CA PRO B 74 4.00 -9.98 11.01
C PRO B 74 2.69 -9.23 10.91
N SER B 75 2.68 -8.04 11.52
CA SER B 75 1.51 -7.18 11.46
C SER B 75 1.30 -6.66 10.05
N GLY B 76 0.04 -6.64 9.62
CA GLY B 76 -0.29 -6.28 8.24
C GLY B 76 -0.16 -4.81 7.93
N HIS B 77 0.15 -3.97 8.91
CA HIS B 77 0.29 -2.53 8.69
C HIS B 77 1.75 -2.21 8.40
N ILE B 78 2.00 -1.65 7.22
CA ILE B 78 3.36 -1.32 6.79
C ILE B 78 3.44 0.18 6.54
N PRO B 79 3.73 0.99 7.55
CA PRO B 79 3.85 2.43 7.34
C PRO B 79 5.25 2.80 6.85
N PHE B 80 5.39 4.06 6.44
CA PHE B 80 6.70 4.59 6.09
C PHE B 80 7.58 4.71 7.32
N THR B 81 8.88 4.53 7.13
CA THR B 81 9.83 4.94 8.14
C THR B 81 9.81 6.46 8.25
N PRO B 82 10.14 7.02 9.42
CA PRO B 82 10.33 8.47 9.51
C PRO B 82 11.34 8.99 8.50
N ARG B 83 12.35 8.18 8.19
CA ARG B 83 13.37 8.58 7.21
C ARG B 83 12.78 8.63 5.80
N ALA B 84 11.89 7.69 5.46
CA ALA B 84 11.27 7.70 4.14
C ALA B 84 10.30 8.88 4.00
N LYS B 85 9.60 9.24 5.09
CA LYS B 85 8.76 10.43 5.06
C LYS B 85 9.57 11.69 4.82
N LYS B 86 10.76 11.77 5.43
CA LYS B 86 11.63 12.91 5.20
C LYS B 86 12.11 12.96 3.74
N VAL B 87 12.39 11.80 3.15
CA VAL B 87 12.76 11.74 1.74
C VAL B 87 11.63 12.30 0.87
N LEU B 88 10.39 11.90 1.17
CA LEU B 88 9.26 12.40 0.41
C LEU B 88 9.08 13.91 0.60
N GLU B 89 9.27 14.39 1.83
CA GLU B 89 9.19 15.83 2.08
C GLU B 89 10.30 16.57 1.35
N LEU B 90 11.51 16.02 1.35
CA LEU B 90 12.61 16.66 0.63
C LEU B 90 12.42 16.57 -0.88
N SER B 91 11.69 15.55 -1.36
CA SER B 91 11.35 15.50 -2.77
C SER B 91 10.50 16.69 -3.17
N LEU B 92 9.51 17.04 -2.35
CA LEU B 92 8.71 18.24 -2.60
C LEU B 92 9.57 19.49 -2.54
N ARG B 93 10.45 19.59 -1.54
CA ARG B 93 11.26 20.78 -1.38
C ARG B 93 12.25 20.95 -2.53
N GLU B 94 12.75 19.84 -3.07
CA GLU B 94 13.66 19.90 -4.20
C GLU B 94 12.95 20.43 -5.44
N ALA B 95 11.75 19.90 -5.73
CA ALA B 95 11.01 20.35 -6.91
C ALA B 95 10.58 21.80 -6.78
N LEU B 96 10.24 22.25 -5.57
CA LEU B 96 9.86 23.65 -5.38
C LEU B 96 11.04 24.57 -5.63
N GLN B 97 12.23 24.18 -5.17
CA GLN B 97 13.42 25.01 -5.37
C GLN B 97 13.79 25.12 -6.86
N LEU B 98 13.46 24.10 -7.64
CA LEU B 98 13.77 24.11 -9.07
C LEU B 98 12.75 24.89 -9.88
N GLY B 99 11.65 25.33 -9.29
CA GLY B 99 10.62 26.05 -9.99
C GLY B 99 9.56 25.19 -10.64
N HIS B 100 9.47 23.92 -10.27
CA HIS B 100 8.50 23.01 -10.85
C HIS B 100 7.27 22.91 -9.96
N ASN B 101 6.10 22.78 -10.58
CA ASN B 101 4.85 22.59 -9.86
C ASN B 101 4.45 21.12 -9.76
N TYR B 102 5.32 20.21 -10.23
CA TYR B 102 5.08 18.78 -10.17
C TYR B 102 6.21 18.10 -9.41
N ILE B 103 6.00 16.83 -9.09
CA ILE B 103 7.01 15.99 -8.44
C ILE B 103 7.09 14.70 -9.25
N GLY B 104 8.20 14.51 -9.96
CA GLY B 104 8.41 13.32 -10.76
C GLY B 104 9.38 12.36 -10.11
N THR B 105 9.74 11.32 -10.88
CA THR B 105 10.67 10.31 -10.37
C THR B 105 12.03 10.92 -10.07
N GLU B 106 12.46 11.90 -10.87
CA GLU B 106 13.77 12.51 -10.65
C GLU B 106 13.82 13.28 -9.34
N HIS B 107 12.70 13.88 -8.92
CA HIS B 107 12.68 14.61 -7.66
C HIS B 107 12.72 13.66 -6.47
N ILE B 108 12.15 12.46 -6.61
CA ILE B 108 12.20 11.50 -5.52
C ILE B 108 13.61 10.96 -5.33
N LEU B 109 14.32 10.72 -6.43
CA LEU B 109 15.71 10.27 -6.33
C LEU B 109 16.59 11.39 -5.76
N LEU B 110 16.34 12.64 -6.15
CA LEU B 110 17.09 13.76 -5.59
C LEU B 110 16.83 13.90 -4.09
N GLY B 111 15.57 13.81 -3.69
CA GLY B 111 15.25 13.85 -2.26
C GLY B 111 15.85 12.69 -1.50
N LEU B 112 15.96 11.53 -2.13
CA LEU B 112 16.58 10.37 -1.50
C LEU B 112 18.06 10.63 -1.26
N ILE B 113 18.76 11.16 -2.27
CA ILE B 113 20.17 11.50 -2.10
C ILE B 113 20.33 12.63 -1.09
N ARG B 114 19.40 13.59 -1.10
CA ARG B 114 19.47 14.72 -0.18
C ARG B 114 19.49 14.25 1.28
N GLU B 115 18.58 13.34 1.63
CA GLU B 115 18.60 12.74 2.96
C GLU B 115 19.89 11.95 3.17
N GLY B 116 20.15 10.99 2.28
CA GLY B 116 21.48 10.41 2.13
C GLY B 116 22.08 9.76 3.36
N GLU B 117 21.27 9.14 4.22
CA GLU B 117 21.83 8.48 5.39
C GLU B 117 20.99 7.30 5.86
N GLY B 118 20.26 6.66 4.95
CA GLY B 118 19.50 5.48 5.32
C GLY B 118 19.94 4.23 4.59
N VAL B 119 19.04 3.25 4.49
CA VAL B 119 19.38 1.97 3.86
C VAL B 119 19.68 2.18 2.38
N ALA B 120 18.90 3.02 1.71
CA ALA B 120 19.10 3.26 0.28
C ALA B 120 20.47 3.88 0.00
N ALA B 121 20.82 4.94 0.74
CA ALA B 121 22.13 5.55 0.56
C ALA B 121 23.25 4.58 0.88
N GLN B 122 23.03 3.70 1.87
CA GLN B 122 24.02 2.69 2.21
C GLN B 122 24.19 1.67 1.09
N VAL B 123 23.08 1.21 0.51
CA VAL B 123 23.15 0.25 -0.59
C VAL B 123 23.77 0.89 -1.84
N LEU B 124 23.51 2.18 -2.06
CA LEU B 124 24.04 2.84 -3.25
C LEU B 124 25.57 2.90 -3.21
N VAL B 125 26.14 3.40 -2.10
CA VAL B 125 27.58 3.51 -2.00
C VAL B 125 28.25 2.14 -1.93
N LYS B 126 27.51 1.10 -1.58
CA LYS B 126 28.07 -0.26 -1.63
C LYS B 126 28.15 -0.77 -3.05
N LEU B 127 27.23 -0.35 -3.91
CA LEU B 127 27.20 -0.77 -5.29
C LEU B 127 28.00 0.16 -6.20
N GLY B 128 28.90 0.95 -5.62
CA GLY B 128 29.79 1.79 -6.40
C GLY B 128 29.14 3.01 -7.04
N ALA B 129 28.15 3.60 -6.36
CA ALA B 129 27.44 4.77 -6.88
C ALA B 129 27.45 5.84 -5.80
N GLU B 130 28.49 6.68 -5.80
CA GLU B 130 28.57 7.78 -4.85
C GLU B 130 27.41 8.75 -5.06
N LEU B 131 26.93 9.31 -3.96
CA LEU B 131 25.67 10.06 -3.99
C LEU B 131 25.76 11.28 -4.89
N THR B 132 26.90 11.97 -4.89
CA THR B 132 27.05 13.15 -5.74
C THR B 132 27.02 12.79 -7.22
N ARG B 133 27.42 11.56 -7.57
CA ARG B 133 27.33 11.13 -8.96
C ARG B 133 25.90 10.86 -9.38
N VAL B 134 25.07 10.35 -8.47
CA VAL B 134 23.67 10.13 -8.79
C VAL B 134 22.96 11.45 -9.05
N ARG B 135 23.29 12.49 -8.28
CA ARG B 135 22.64 13.79 -8.46
C ARG B 135 23.02 14.40 -9.80
N GLN B 136 24.30 14.35 -10.16
CA GLN B 136 24.74 14.92 -11.43
C GLN B 136 24.16 14.16 -12.62
N GLN B 137 24.02 12.84 -12.50
CA GLN B 137 23.39 12.06 -13.56
C GLN B 137 21.93 12.49 -13.77
N VAL B 138 21.21 12.73 -12.67
CA VAL B 138 19.83 13.15 -12.77
C VAL B 138 19.74 14.55 -13.37
N ILE B 139 20.62 15.46 -12.92
CA ILE B 139 20.58 16.84 -13.40
C ILE B 139 20.96 16.91 -14.88
N GLN B 140 21.97 16.14 -15.29
CA GLN B 140 22.41 16.20 -16.67
C GLN B 140 21.40 15.55 -17.62
N LEU B 141 20.60 14.60 -17.12
CA LEU B 141 19.54 14.04 -17.95
C LEU B 141 18.32 14.93 -18.01
N LEU B 142 18.12 15.80 -17.01
CA LEU B 142 17.06 16.79 -17.06
C LEU B 142 17.41 17.97 -17.95
N SER B 143 18.67 18.12 -18.37
CA SER B 143 19.06 19.25 -19.20
C SER B 143 18.77 19.01 -20.69
N GLY B 144 18.65 17.76 -21.10
CA GLY B 144 18.37 17.46 -22.50
C GLY B 144 18.12 15.98 -22.75
N VAL C 2 -0.58 3.33 0.68
CA VAL C 2 -1.15 4.18 -0.34
C VAL C 2 -2.11 3.35 -1.17
N GLY C 5 -4.52 2.02 -6.70
CA GLY C 5 -4.69 0.90 -7.61
C GLY C 5 -3.41 0.39 -8.24
#